data_7DSZ
#
_entry.id   7DSZ
#
_cell.length_a   83.469
_cell.length_b   83.941
_cell.length_c   107.252
_cell.angle_alpha   90.000
_cell.angle_beta   90.000
_cell.angle_gamma   90.000
#
_symmetry.space_group_name_H-M   'P 21 21 21'
#
loop_
_entity.id
_entity.type
_entity.pdbx_description
1 polymer Amuc_1102
2 non-polymer 'CHLORIDE ION'
3 water water
#
_entity_poly.entity_id   1
_entity_poly.type   'polypeptide(L)'
_entity_poly.pdbx_seq_one_letter_code
;MGHHHHHHMQTTSNPRMQVRVSLEKLSLYMRQSPNVLTQDDPRPLPKPKKWADFEIPFKVEAAPTPKSGYIDALTFKFYI
AVVNPDRSRQYLKLYKEVKYVNVPVGENTYASVYLSPSSVKRITGVEGGRGKWVKYQGVVVEYNGKIVATYSSERGKMEK
WWTIQSPSIVETSYYPLLNKDETPFSVFWYDRYPEIMRPNSQQAASSSVPAPFGTPVEPPADGELEHHHHHH
;
_entity_poly.pdbx_strand_id   A,B,C
#
# COMPACT_ATOMS: atom_id res chain seq x y z
N HIS A 8 6.26 -18.59 -5.43
CA HIS A 8 7.05 -19.71 -4.92
C HIS A 8 6.97 -19.78 -3.41
N MET A 9 5.98 -20.53 -2.90
CA MET A 9 5.64 -20.58 -1.47
C MET A 9 5.85 -21.95 -0.86
N GLN A 10 6.71 -22.80 -1.44
CA GLN A 10 7.15 -23.98 -0.73
C GLN A 10 8.10 -23.56 0.40
N THR A 11 8.18 -24.40 1.43
CA THR A 11 9.07 -24.10 2.53
C THR A 11 10.52 -24.04 2.06
N THR A 12 11.28 -23.11 2.65
CA THR A 12 12.72 -23.05 2.48
C THR A 12 13.45 -23.73 3.64
N SER A 13 12.71 -24.27 4.61
CA SER A 13 13.24 -24.84 5.83
C SER A 13 13.48 -26.34 5.67
N ASN A 14 14.03 -26.94 6.72
CA ASN A 14 14.03 -28.38 6.86
C ASN A 14 12.60 -28.88 6.70
N PRO A 15 12.34 -29.77 5.73
CA PRO A 15 10.94 -30.15 5.45
C PRO A 15 10.30 -31.02 6.54
N ARG A 16 11.08 -31.56 7.46
CA ARG A 16 10.52 -32.35 8.55
C ARG A 16 10.13 -31.52 9.77
N MET A 17 10.35 -30.21 9.72
CA MET A 17 10.12 -29.36 10.89
C MET A 17 8.64 -29.34 11.26
N GLN A 18 8.38 -29.42 12.56
CA GLN A 18 7.03 -29.32 13.10
C GLN A 18 6.91 -28.02 13.89
N VAL A 19 5.87 -27.23 13.58
CA VAL A 19 5.72 -25.90 14.16
C VAL A 19 4.55 -25.92 15.13
N ARG A 20 4.76 -25.32 16.30
CA ARG A 20 3.72 -25.15 17.30
C ARG A 20 3.63 -23.68 17.70
N VAL A 21 2.40 -23.21 17.87
CA VAL A 21 2.13 -21.83 18.19
C VAL A 21 1.27 -21.77 19.44
N SER A 22 1.68 -20.95 20.40
CA SER A 22 0.96 -20.73 21.64
C SER A 22 0.39 -19.30 21.64
N LEU A 23 -0.93 -19.20 21.57
CA LEU A 23 -1.65 -17.94 21.59
C LEU A 23 -2.08 -17.58 23.01
N GLU A 24 -2.07 -16.29 23.30
CA GLU A 24 -2.79 -15.78 24.46
C GLU A 24 -4.18 -15.34 23.98
N LYS A 25 -4.70 -14.22 24.45
CA LYS A 25 -6.04 -13.78 24.08
C LYS A 25 -5.99 -12.52 23.22
N LEU A 26 -6.94 -12.39 22.31
CA LEU A 26 -7.12 -11.16 21.56
C LEU A 26 -7.75 -10.12 22.48
N SER A 27 -7.13 -8.93 22.55
CA SER A 27 -7.67 -7.84 23.37
C SER A 27 -7.78 -6.57 22.53
N LEU A 28 -8.80 -5.78 22.80
CA LEU A 28 -9.05 -4.53 22.09
C LEU A 28 -8.44 -3.36 22.85
N TYR A 29 -7.64 -2.57 22.15
CA TYR A 29 -7.14 -1.30 22.63
C TYR A 29 -7.65 -0.19 21.72
N MET A 30 -8.28 0.83 22.29
CA MET A 30 -8.58 2.04 21.54
C MET A 30 -7.37 2.96 21.62
N ARG A 31 -6.87 3.39 20.45
CA ARG A 31 -5.63 4.16 20.41
C ARG A 31 -5.73 5.35 19.46
N GLN A 32 -5.12 6.47 19.87
CA GLN A 32 -4.98 7.61 18.97
C GLN A 32 -4.06 7.24 17.82
N SER A 33 -4.36 7.75 16.63
CA SER A 33 -3.36 7.69 15.58
C SER A 33 -2.15 8.53 16.00
N PRO A 34 -0.96 8.20 15.52
CA PRO A 34 0.20 9.03 15.82
C PRO A 34 -0.01 10.43 15.26
N ASN A 35 0.35 11.43 16.05
CA ASN A 35 0.33 12.80 15.56
C ASN A 35 1.75 13.09 15.09
N VAL A 36 1.99 12.89 13.80
CA VAL A 36 3.33 12.94 13.27
C VAL A 36 3.78 14.39 13.19
N LEU A 37 4.98 14.66 13.68
CA LEU A 37 5.53 16.01 13.62
C LEU A 37 6.11 16.26 12.25
N THR A 38 5.89 17.46 11.72
CA THR A 38 6.47 17.85 10.45
C THR A 38 7.29 19.11 10.62
N GLN A 39 8.05 19.43 9.57
CA GLN A 39 8.83 20.66 9.56
C GLN A 39 7.95 21.88 9.76
N ASP A 40 6.72 21.84 9.23
CA ASP A 40 5.88 23.02 9.24
C ASP A 40 5.23 23.24 10.59
N ASP A 41 4.36 22.33 11.04
CA ASP A 41 3.79 22.49 12.38
C ASP A 41 4.18 21.31 13.27
N PRO A 42 5.03 21.53 14.28
CA PRO A 42 5.42 20.56 15.30
C PRO A 42 4.57 20.67 16.57
N LYS A 49 -8.82 11.10 16.63
CA LYS A 49 -9.75 10.00 16.39
C LYS A 49 -9.15 8.70 16.91
N LYS A 50 -10.01 7.78 17.35
CA LYS A 50 -9.57 6.58 18.04
CA LYS A 50 -9.56 6.58 18.04
C LYS A 50 -9.73 5.38 17.12
N TRP A 51 -8.64 4.68 16.88
CA TRP A 51 -8.58 3.42 16.15
C TRP A 51 -8.83 2.26 17.10
N ALA A 52 -9.45 1.21 16.58
CA ALA A 52 -9.53 -0.05 17.29
C ALA A 52 -8.33 -0.89 16.92
N ASP A 53 -7.50 -1.23 17.92
CA ASP A 53 -6.30 -2.03 17.73
C ASP A 53 -6.48 -3.33 18.51
N PHE A 54 -6.69 -4.43 17.78
CA PHE A 54 -6.88 -5.76 18.36
C PHE A 54 -5.51 -6.45 18.40
N GLU A 55 -5.06 -6.81 19.60
CA GLU A 55 -3.72 -7.35 19.81
C GLU A 55 -3.81 -8.75 20.38
N ILE A 56 -3.02 -9.70 19.87
CA ILE A 56 -2.93 -11.02 20.46
C ILE A 56 -1.48 -11.45 20.62
N PRO A 57 -1.00 -11.67 21.85
CA PRO A 57 0.37 -12.19 22.03
C PRO A 57 0.48 -13.63 21.55
N PHE A 58 1.65 -13.97 21.01
CA PHE A 58 1.90 -15.37 20.67
C PHE A 58 3.39 -15.67 20.73
N LYS A 59 3.70 -16.97 20.67
CA LYS A 59 5.07 -17.47 20.71
C LYS A 59 5.11 -18.74 19.88
N VAL A 60 6.19 -18.93 19.14
CA VAL A 60 6.35 -20.05 18.22
C VAL A 60 7.44 -20.97 18.75
N GLU A 61 7.21 -22.28 18.66
CA GLU A 61 8.26 -23.26 18.87
C GLU A 61 8.30 -24.22 17.69
N ALA A 62 9.49 -24.71 17.37
CA ALA A 62 9.67 -25.55 16.20
C ALA A 62 10.65 -26.66 16.51
N ALA A 63 10.35 -27.87 16.02
CA ALA A 63 11.17 -29.05 16.26
C ALA A 63 11.36 -29.78 14.94
N PRO A 64 12.60 -29.98 14.47
CA PRO A 64 13.80 -29.42 15.09
C PRO A 64 13.88 -27.90 14.92
N THR A 65 14.53 -27.22 15.85
CA THR A 65 14.69 -25.78 15.76
C THR A 65 15.43 -25.44 14.47
N PRO A 66 14.91 -24.51 13.65
CA PRO A 66 15.63 -24.14 12.42
C PRO A 66 16.91 -23.40 12.72
N LYS A 67 17.92 -23.65 11.87
CA LYS A 67 19.24 -23.05 12.06
C LYS A 67 19.16 -21.53 12.07
N SER A 68 18.27 -20.96 11.26
CA SER A 68 18.18 -19.50 11.12
C SER A 68 17.48 -18.85 12.30
N GLY A 69 16.75 -19.61 13.11
CA GLY A 69 16.00 -19.04 14.21
C GLY A 69 14.63 -18.51 13.84
N TYR A 70 14.17 -18.75 12.62
CA TYR A 70 12.91 -18.25 12.11
C TYR A 70 12.23 -19.33 11.30
N ILE A 71 10.92 -19.17 11.14
CA ILE A 71 10.14 -19.93 10.16
C ILE A 71 9.68 -18.98 9.07
N ASP A 72 9.33 -19.55 7.91
CA ASP A 72 9.03 -18.74 6.73
C ASP A 72 7.87 -17.79 6.96
N ALA A 73 6.78 -18.29 7.51
CA ALA A 73 5.52 -17.56 7.54
C ALA A 73 4.53 -18.25 8.48
N LEU A 74 3.58 -17.46 8.96
CA LEU A 74 2.36 -17.90 9.62
C LEU A 74 1.20 -17.09 9.07
N THR A 75 0.05 -17.72 8.86
CA THR A 75 -1.15 -17.01 8.44
C THR A 75 -2.10 -16.90 9.62
N PHE A 76 -2.44 -15.66 9.99
CA PHE A 76 -3.41 -15.35 11.03
C PHE A 76 -4.76 -14.99 10.41
N LYS A 77 -5.81 -15.68 10.81
CA LYS A 77 -7.17 -15.37 10.39
C LYS A 77 -7.92 -14.81 11.57
N PHE A 78 -8.40 -13.58 11.43
CA PHE A 78 -9.12 -12.89 12.50
C PHE A 78 -10.60 -12.87 12.19
N TYR A 79 -11.41 -13.14 13.22
CA TYR A 79 -12.86 -13.09 13.13
C TYR A 79 -13.39 -12.21 14.24
N ILE A 80 -14.16 -11.20 13.88
CA ILE A 80 -14.72 -10.26 14.84
CA ILE A 80 -14.71 -10.24 14.82
C ILE A 80 -16.20 -10.09 14.53
N ALA A 81 -17.03 -10.18 15.56
CA ALA A 81 -18.47 -10.05 15.41
C ALA A 81 -18.96 -8.85 16.20
N VAL A 82 -19.81 -8.03 15.57
CA VAL A 82 -20.42 -6.87 16.20
C VAL A 82 -21.90 -6.83 15.84
N VAL A 83 -22.67 -6.07 16.62
CA VAL A 83 -24.08 -5.84 16.30
C VAL A 83 -24.16 -4.90 15.11
N ASN A 84 -24.95 -5.27 14.10
CA ASN A 84 -25.18 -4.41 12.95
C ASN A 84 -25.87 -3.13 13.41
N PRO A 85 -25.22 -1.97 13.32
CA PRO A 85 -25.86 -0.72 13.79
C PRO A 85 -27.03 -0.27 12.93
N ASP A 86 -27.20 -0.84 11.73
CA ASP A 86 -28.31 -0.48 10.87
C ASP A 86 -29.51 -1.41 11.03
N ARG A 87 -29.35 -2.52 11.77
CA ARG A 87 -30.46 -3.43 12.07
C ARG A 87 -30.08 -4.29 13.28
N SER A 88 -30.69 -4.01 14.43
CA SER A 88 -30.19 -4.51 15.71
C SER A 88 -30.33 -6.01 15.90
N ARG A 89 -31.16 -6.69 15.10
CA ARG A 89 -31.39 -8.12 15.26
C ARG A 89 -30.37 -8.98 14.53
N GLN A 90 -29.24 -8.42 14.14
CA GLN A 90 -28.31 -9.13 13.27
C GLN A 90 -26.88 -8.81 13.68
N TYR A 91 -26.01 -9.81 13.63
CA TYR A 91 -24.58 -9.65 13.86
C TYR A 91 -23.86 -9.52 12.52
N LEU A 92 -22.82 -8.69 12.50
CA LEU A 92 -21.91 -8.63 11.36
C LEU A 92 -20.64 -9.38 11.72
N LYS A 93 -20.18 -10.21 10.81
CA LYS A 93 -18.94 -10.96 10.97
C LYS A 93 -17.90 -10.35 10.05
N LEU A 94 -16.81 -9.85 10.65
CA LEU A 94 -15.71 -9.23 9.94
C LEU A 94 -14.52 -10.18 9.94
N TYR A 95 -13.86 -10.31 8.78
CA TYR A 95 -12.80 -11.29 8.56
C TYR A 95 -11.55 -10.64 7.99
N LYS A 96 -10.39 -11.10 8.46
CA LYS A 96 -9.13 -10.60 7.91
C LYS A 96 -8.04 -11.65 8.00
N GLU A 97 -7.34 -11.86 6.89
CA GLU A 97 -6.15 -12.70 6.85
CA GLU A 97 -6.14 -12.69 6.84
C GLU A 97 -4.92 -11.80 6.89
N VAL A 98 -4.00 -12.10 7.80
CA VAL A 98 -2.71 -11.41 7.89
C VAL A 98 -1.62 -12.48 7.81
N LYS A 99 -0.81 -12.43 6.76
CA LYS A 99 0.30 -13.37 6.61
C LYS A 99 1.58 -12.70 7.11
N TYR A 100 2.18 -13.27 8.14
CA TYR A 100 3.46 -12.78 8.66
C TYR A 100 4.60 -13.59 8.07
N VAL A 101 5.74 -12.95 7.86
CA VAL A 101 6.91 -13.63 7.30
C VAL A 101 8.10 -13.41 8.22
N ASN A 102 9.05 -14.35 8.17
CA ASN A 102 10.21 -14.35 9.06
C ASN A 102 9.76 -14.26 10.52
N VAL A 103 9.00 -15.26 10.95
CA VAL A 103 8.47 -15.28 12.31
C VAL A 103 9.53 -15.91 13.22
N PRO A 104 10.01 -15.22 14.24
CA PRO A 104 11.08 -15.77 15.06
C PRO A 104 10.57 -16.91 15.91
N VAL A 105 11.46 -17.83 16.23
CA VAL A 105 11.14 -18.97 17.08
C VAL A 105 11.60 -18.66 18.49
N GLY A 106 10.83 -19.11 19.48
CA GLY A 106 11.22 -18.96 20.87
C GLY A 106 11.17 -17.55 21.40
N GLU A 107 10.32 -16.70 20.83
CA GLU A 107 10.31 -15.28 21.18
C GLU A 107 8.88 -14.82 21.31
N ASN A 108 8.54 -14.20 22.43
CA ASN A 108 7.21 -13.63 22.58
C ASN A 108 7.06 -12.46 21.61
N THR A 109 5.97 -12.46 20.86
CA THR A 109 5.70 -11.39 19.89
C THR A 109 4.19 -11.17 19.82
N TYR A 110 3.75 -10.38 18.85
CA TYR A 110 2.34 -10.00 18.78
C TYR A 110 1.86 -10.06 17.34
N ALA A 111 0.57 -10.31 17.17
CA ALA A 111 -0.15 -10.10 15.92
C ALA A 111 -1.26 -9.09 16.19
N SER A 112 -1.75 -8.45 15.12
CA SER A 112 -2.78 -7.43 15.33
C SER A 112 -3.61 -7.24 14.07
N VAL A 113 -4.80 -6.67 14.28
CA VAL A 113 -5.66 -6.18 13.20
CA VAL A 113 -5.70 -6.23 13.22
C VAL A 113 -6.40 -4.97 13.73
N TYR A 114 -6.95 -4.17 12.82
CA TYR A 114 -7.45 -2.85 13.17
C TYR A 114 -8.79 -2.55 12.53
N LEU A 115 -9.59 -1.73 13.21
CA LEU A 115 -10.74 -1.08 12.61
C LEU A 115 -10.54 0.43 12.67
N SER A 116 -10.96 1.11 11.61
CA SER A 116 -10.78 2.55 11.50
C SER A 116 -11.66 3.30 12.50
N PRO A 117 -11.36 4.58 12.73
CA PRO A 117 -12.25 5.40 13.58
C PRO A 117 -13.69 5.47 13.07
N SER A 118 -13.89 5.55 11.75
CA SER A 118 -15.24 5.62 11.23
C SER A 118 -15.96 4.28 11.37
N SER A 119 -15.24 3.16 11.27
CA SER A 119 -15.90 1.89 11.53
C SER A 119 -16.37 1.82 12.98
N VAL A 120 -15.52 2.25 13.92
CA VAL A 120 -15.89 2.21 15.33
C VAL A 120 -17.03 3.16 15.62
N LYS A 121 -16.98 4.38 15.08
CA LYS A 121 -18.03 5.34 15.33
C LYS A 121 -19.35 4.89 14.69
N ARG A 122 -19.29 4.26 13.52
CA ARG A 122 -20.51 3.75 12.90
C ARG A 122 -21.13 2.63 13.72
N ILE A 123 -20.30 1.69 14.19
CA ILE A 123 -20.82 0.56 14.96
C ILE A 123 -21.42 1.02 16.28
N THR A 124 -20.74 1.93 16.97
CA THR A 124 -21.08 2.25 18.36
C THR A 124 -21.86 3.55 18.53
N GLY A 125 -21.84 4.42 17.53
CA GLY A 125 -22.51 5.69 17.62
C GLY A 125 -21.67 6.84 18.17
N VAL A 126 -20.46 6.59 18.66
CA VAL A 126 -19.63 7.64 19.23
CA VAL A 126 -19.62 7.63 19.22
C VAL A 126 -18.18 7.38 18.85
N GLU A 127 -17.43 8.47 18.66
CA GLU A 127 -16.00 8.33 18.44
C GLU A 127 -15.36 7.65 19.64
N GLY A 128 -14.48 6.68 19.37
CA GLY A 128 -13.85 5.96 20.44
C GLY A 128 -14.64 4.78 20.96
N GLY A 129 -15.88 4.62 20.56
CA GLY A 129 -16.67 3.49 20.98
C GLY A 129 -17.24 3.65 22.37
N ARG A 130 -18.25 2.84 22.65
CA ARG A 130 -18.88 2.76 23.97
C ARG A 130 -19.48 1.37 24.09
N GLY A 131 -19.63 0.94 25.34
CA GLY A 131 -20.15 -0.40 25.63
C GLY A 131 -19.15 -1.48 25.28
N LYS A 132 -19.60 -2.72 25.42
CA LYS A 132 -18.81 -3.87 24.95
C LYS A 132 -19.32 -4.20 23.56
N TRP A 133 -18.85 -3.42 22.58
CA TRP A 133 -19.38 -3.55 21.24
C TRP A 133 -18.79 -4.72 20.47
N VAL A 134 -17.71 -5.32 20.96
CA VAL A 134 -17.17 -6.52 20.34
C VAL A 134 -17.88 -7.70 21.00
N LYS A 135 -18.68 -8.42 20.21
CA LYS A 135 -19.53 -9.47 20.77
C LYS A 135 -18.85 -10.84 20.72
N TYR A 136 -18.14 -11.16 19.65
CA TYR A 136 -17.39 -12.42 19.53
C TYR A 136 -16.04 -12.15 18.89
N GLN A 137 -15.05 -12.94 19.29
CA GLN A 137 -13.70 -12.85 18.73
C GLN A 137 -13.15 -14.24 18.46
N GLY A 138 -12.31 -14.33 17.43
CA GLY A 138 -11.63 -15.56 17.12
C GLY A 138 -10.36 -15.29 16.34
N VAL A 139 -9.34 -16.11 16.58
CA VAL A 139 -8.09 -16.05 15.84
C VAL A 139 -7.66 -17.48 15.55
N VAL A 140 -7.45 -17.78 14.26
CA VAL A 140 -6.96 -19.08 13.82
C VAL A 140 -5.61 -18.86 13.15
N VAL A 141 -4.62 -19.66 13.55
CA VAL A 141 -3.26 -19.55 13.00
C VAL A 141 -2.97 -20.79 12.16
N GLU A 142 -2.44 -20.58 10.96
CA GLU A 142 -2.09 -21.68 10.07
C GLU A 142 -0.60 -21.62 9.75
N TYR A 143 0.02 -22.81 9.73
CA TYR A 143 1.38 -22.98 9.22
C TYR A 143 1.31 -23.99 8.08
N ASN A 144 1.80 -23.58 6.91
CA ASN A 144 1.79 -24.44 5.72
C ASN A 144 0.39 -24.95 5.42
N GLY A 145 -0.61 -24.10 5.61
CA GLY A 145 -1.97 -24.46 5.28
C GLY A 145 -2.69 -25.35 6.26
N LYS A 146 -2.12 -25.57 7.45
CA LYS A 146 -2.77 -26.39 8.47
C LYS A 146 -2.92 -25.56 9.74
N ILE A 147 -4.07 -25.71 10.39
CA ILE A 147 -4.35 -24.98 11.62
C ILE A 147 -3.43 -25.48 12.73
N VAL A 148 -2.67 -24.57 13.32
CA VAL A 148 -1.80 -24.91 14.45
C VAL A 148 -2.22 -24.27 15.76
N ALA A 149 -3.15 -23.31 15.74
CA ALA A 149 -3.60 -22.73 17.00
C ALA A 149 -4.92 -22.01 16.75
N THR A 150 -5.76 -21.98 17.80
CA THR A 150 -7.05 -21.31 17.75
C THR A 150 -7.32 -20.63 19.08
N TYR A 151 -7.70 -19.36 19.01
CA TYR A 151 -8.23 -18.62 20.13
C TYR A 151 -9.68 -18.26 19.81
N SER A 152 -10.54 -18.34 20.83
CA SER A 152 -11.91 -17.89 20.73
C SER A 152 -12.34 -17.27 22.04
N SER A 153 -13.21 -16.27 21.96
CA SER A 153 -13.84 -15.69 23.14
C SER A 153 -14.90 -16.61 23.72
N GLU A 154 -15.22 -17.71 23.05
CA GLU A 154 -16.24 -18.64 23.51
C GLU A 154 -15.62 -20.02 23.71
N ARG A 155 -16.29 -20.84 24.54
CA ARG A 155 -15.95 -22.24 24.72
C ARG A 155 -17.16 -23.09 24.34
N GLY A 156 -16.93 -24.39 24.18
CA GLY A 156 -18.04 -25.28 23.91
C GLY A 156 -18.54 -25.18 22.50
N LYS A 157 -19.86 -25.33 22.34
CA LYS A 157 -20.49 -25.32 21.01
C LYS A 157 -20.17 -24.05 20.24
N MET A 158 -20.06 -22.92 20.93
CA MET A 158 -19.81 -21.64 20.30
C MET A 158 -18.34 -21.32 20.12
N GLU A 159 -17.43 -22.26 20.44
CA GLU A 159 -16.01 -21.97 20.32
C GLU A 159 -15.66 -21.48 18.92
N LYS A 160 -15.99 -22.28 17.92
CA LYS A 160 -15.72 -21.92 16.53
C LYS A 160 -16.96 -21.26 15.92
N TRP A 161 -17.37 -20.17 16.57
CA TRP A 161 -18.61 -19.47 16.22
C TRP A 161 -18.57 -18.93 14.79
N TRP A 162 -17.39 -18.71 14.23
CA TRP A 162 -17.26 -18.22 12.87
C TRP A 162 -17.58 -19.27 11.82
N THR A 163 -17.76 -20.54 12.22
CA THR A 163 -18.17 -21.59 11.30
C THR A 163 -19.67 -21.84 11.35
N ILE A 164 -20.41 -21.13 12.18
CA ILE A 164 -21.83 -21.40 12.38
C ILE A 164 -22.63 -20.63 11.34
N GLN A 165 -23.37 -21.35 10.51
CA GLN A 165 -24.27 -20.73 9.56
C GLN A 165 -25.59 -20.40 10.26
N SER A 166 -26.00 -19.14 10.18
CA SER A 166 -27.22 -18.68 10.82
C SER A 166 -27.63 -17.38 10.15
N PRO A 167 -28.93 -17.11 10.00
CA PRO A 167 -29.34 -15.85 9.39
C PRO A 167 -29.09 -14.65 10.29
N SER A 168 -28.85 -14.85 11.59
CA SER A 168 -28.60 -13.75 12.50
C SER A 168 -27.13 -13.32 12.53
N ILE A 169 -26.27 -13.90 11.70
CA ILE A 169 -24.90 -13.41 11.55
C ILE A 169 -24.55 -13.43 10.07
N VAL A 170 -24.04 -12.30 9.58
CA VAL A 170 -23.83 -12.08 8.15
C VAL A 170 -22.41 -11.58 7.97
N GLU A 171 -21.66 -12.20 7.05
CA GLU A 171 -20.31 -11.74 6.77
C GLU A 171 -20.39 -10.52 5.86
N THR A 172 -19.50 -9.55 6.07
CA THR A 172 -19.44 -8.39 5.20
C THR A 172 -17.99 -7.96 5.02
N SER A 173 -17.66 -7.50 3.81
CA SER A 173 -16.39 -6.83 3.57
C SER A 173 -16.44 -5.35 3.90
N TYR A 174 -17.63 -4.81 4.17
CA TYR A 174 -17.67 -3.48 4.73
C TYR A 174 -17.20 -3.54 6.19
N TYR A 175 -17.05 -2.38 6.82
CA TYR A 175 -16.36 -2.25 8.10
C TYR A 175 -15.02 -2.98 8.00
N PRO A 176 -14.16 -2.63 7.04
CA PRO A 176 -13.04 -3.51 6.72
C PRO A 176 -12.01 -3.59 7.84
N LEU A 177 -11.60 -4.81 8.17
CA LEU A 177 -10.47 -5.01 9.06
C LEU A 177 -9.19 -4.75 8.29
N LEU A 178 -8.23 -4.11 8.96
CA LEU A 178 -7.00 -3.64 8.32
C LEU A 178 -5.79 -4.27 9.00
N ASN A 179 -4.77 -4.64 8.21
CA ASN A 179 -3.52 -5.01 8.86
C ASN A 179 -2.74 -3.74 9.18
N LYS A 180 -1.65 -3.92 9.96
CA LYS A 180 -0.92 -2.77 10.50
C LYS A 180 -0.37 -1.89 9.37
N ASP A 181 0.04 -2.50 8.27
CA ASP A 181 0.57 -1.68 7.18
C ASP A 181 -0.50 -0.98 6.38
N GLU A 182 -1.78 -1.23 6.68
CA GLU A 182 -2.91 -0.52 6.10
C GLU A 182 -3.46 0.56 7.04
N THR A 183 -2.67 0.98 8.02
CA THR A 183 -3.07 1.95 9.03
C THR A 183 -1.94 2.96 9.20
N PRO A 184 -2.22 4.07 9.89
CA PRO A 184 -1.14 5.01 10.27
C PRO A 184 -0.17 4.46 11.28
N PHE A 185 -0.42 3.27 11.83
CA PHE A 185 0.54 2.67 12.75
C PHE A 185 1.67 1.94 12.04
N SER A 186 1.65 1.93 10.70
CA SER A 186 2.53 1.05 9.93
C SER A 186 4.01 1.18 10.33
N VAL A 187 4.53 2.41 10.46
CA VAL A 187 5.97 2.56 10.68
C VAL A 187 6.33 2.61 12.16
N PHE A 188 5.38 2.43 13.06
CA PHE A 188 5.64 2.57 14.49
C PHE A 188 5.60 1.20 15.16
N TRP A 189 6.24 1.13 16.33
CA TRP A 189 6.27 -0.10 17.13
C TRP A 189 6.74 -1.27 16.27
N TYR A 190 7.76 -1.04 15.45
CA TYR A 190 8.11 -2.06 14.46
CA TYR A 190 8.12 -2.05 14.46
C TYR A 190 8.65 -3.31 15.11
N ASP A 191 9.30 -3.20 16.27
CA ASP A 191 9.86 -4.37 16.94
C ASP A 191 8.79 -5.25 17.61
N ARG A 192 7.55 -4.79 17.71
CA ARG A 192 6.54 -5.53 18.47
C ARG A 192 5.92 -6.67 17.67
N TYR A 193 5.97 -6.62 16.34
CA TYR A 193 5.29 -7.57 15.48
C TYR A 193 6.26 -8.09 14.43
N PRO A 194 5.99 -9.26 13.84
CA PRO A 194 6.77 -9.69 12.67
C PRO A 194 6.38 -8.87 11.45
N GLU A 195 7.20 -9.02 10.41
CA GLU A 195 6.93 -8.42 9.12
C GLU A 195 5.67 -9.01 8.48
N ILE A 196 4.88 -8.16 7.81
CA ILE A 196 3.66 -8.58 7.15
C ILE A 196 3.95 -8.77 5.66
N MET A 197 3.51 -9.90 5.10
CA MET A 197 3.69 -10.13 3.67
C MET A 197 2.73 -9.27 2.87
N ARG A 198 3.26 -8.53 1.90
CA ARG A 198 2.46 -7.62 1.09
C ARG A 198 1.54 -8.40 0.15
N PRO A 199 0.51 -7.74 -0.42
CA PRO A 199 -0.46 -8.47 -1.27
C PRO A 199 0.15 -9.13 -2.50
N HIS B 8 -4.90 0.92 -19.73
CA HIS B 8 -4.42 1.45 -21.00
C HIS B 8 -2.91 1.70 -20.92
N MET B 9 -2.12 0.70 -21.33
CA MET B 9 -0.68 0.68 -21.15
C MET B 9 0.09 0.88 -22.44
N GLN B 10 -0.58 1.32 -23.50
CA GLN B 10 0.12 1.69 -24.72
C GLN B 10 0.94 2.95 -24.49
N THR B 11 2.03 3.10 -25.24
CA THR B 11 2.84 4.31 -25.12
C THR B 11 2.00 5.55 -25.43
N THR B 12 2.19 6.59 -24.62
CA THR B 12 1.63 7.91 -24.91
C THR B 12 2.59 8.76 -25.72
N SER B 13 3.76 8.20 -26.03
CA SER B 13 4.84 8.90 -26.68
C SER B 13 4.84 8.63 -28.18
N ASN B 14 5.86 9.13 -28.84
CA ASN B 14 6.19 8.76 -30.21
C ASN B 14 6.34 7.24 -30.25
N PRO B 15 5.47 6.53 -30.98
CA PRO B 15 5.55 5.05 -30.98
C PRO B 15 6.83 4.52 -31.60
N ARG B 16 7.51 5.32 -32.42
CA ARG B 16 8.82 4.95 -32.95
C ARG B 16 9.97 5.18 -31.98
N MET B 17 9.72 5.85 -30.84
CA MET B 17 10.82 6.18 -29.94
C MET B 17 11.52 4.93 -29.44
N GLN B 18 12.85 4.99 -29.40
CA GLN B 18 13.66 3.93 -28.84
C GLN B 18 14.43 4.51 -27.66
N VAL B 19 14.75 3.67 -26.70
CA VAL B 19 15.31 4.09 -25.42
C VAL B 19 16.59 3.32 -25.17
N ARG B 20 17.57 4.02 -24.60
CA ARG B 20 18.81 3.42 -24.16
C ARG B 20 19.01 3.73 -22.68
N VAL B 21 19.46 2.74 -21.93
CA VAL B 21 19.66 2.90 -20.49
C VAL B 21 21.09 2.54 -20.17
N SER B 22 21.79 3.46 -19.51
CA SER B 22 23.12 3.22 -18.98
C SER B 22 23.00 2.85 -17.50
N LEU B 23 23.50 1.67 -17.13
CA LEU B 23 23.48 1.19 -15.75
C LEU B 23 24.88 1.24 -15.17
N GLU B 24 24.97 1.55 -13.88
CA GLU B 24 26.20 1.35 -13.11
C GLU B 24 26.05 0.04 -12.32
N LYS B 25 26.40 -0.03 -11.05
CA LYS B 25 26.39 -1.30 -10.34
C LYS B 25 25.36 -1.25 -9.20
N LEU B 26 24.83 -2.41 -8.87
CA LEU B 26 23.98 -2.52 -7.69
C LEU B 26 24.89 -2.58 -6.46
N SER B 27 24.61 -1.75 -5.45
CA SER B 27 25.41 -1.73 -4.24
C SER B 27 24.51 -1.79 -3.02
N LEU B 28 24.99 -2.44 -1.97
CA LEU B 28 24.23 -2.60 -0.73
C LEU B 28 24.58 -1.52 0.28
N TYR B 29 23.56 -0.88 0.84
CA TYR B 29 23.70 0.04 1.97
C TYR B 29 22.82 -0.48 3.09
N MET B 30 23.38 -0.56 4.30
CA MET B 30 22.58 -0.87 5.48
C MET B 30 22.10 0.46 6.06
N ARG B 31 20.78 0.61 6.17
CA ARG B 31 20.17 1.87 6.54
C ARG B 31 19.21 1.64 7.69
N GLN B 32 19.29 2.48 8.72
CA GLN B 32 18.42 2.35 9.87
CA GLN B 32 18.41 2.31 9.86
C GLN B 32 17.01 2.80 9.52
N SER B 33 16.02 2.14 10.09
CA SER B 33 14.65 2.56 9.87
C SER B 33 14.44 3.91 10.54
N PRO B 34 13.80 4.86 9.86
CA PRO B 34 13.59 6.18 10.48
C PRO B 34 12.74 6.05 11.74
N ASN B 35 13.13 6.77 12.77
CA ASN B 35 12.27 6.97 13.93
C ASN B 35 11.53 8.27 13.67
N VAL B 36 10.28 8.15 13.20
CA VAL B 36 9.46 9.32 12.95
C VAL B 36 9.00 9.90 14.28
N LEU B 37 9.17 11.21 14.45
CA LEU B 37 8.79 11.87 15.69
C LEU B 37 7.30 12.19 15.72
N THR B 38 6.69 12.04 16.90
CA THR B 38 5.27 12.34 17.08
C THR B 38 5.08 13.32 18.24
N GLN B 39 3.91 13.97 18.25
CA GLN B 39 3.62 14.98 19.26
C GLN B 39 3.58 14.38 20.66
N ASP B 40 2.89 13.24 20.81
CA ASP B 40 2.83 12.54 22.10
C ASP B 40 4.07 11.66 22.29
N ASP B 41 5.22 12.32 22.31
CA ASP B 41 6.51 11.64 22.50
C ASP B 41 6.68 10.50 21.50
N LEU B 45 11.60 5.48 22.78
CA LEU B 45 12.15 5.48 21.43
C LEU B 45 12.91 4.19 21.15
N PRO B 46 12.44 3.40 20.17
CA PRO B 46 13.05 2.09 19.91
C PRO B 46 14.45 2.23 19.31
N LYS B 47 15.24 1.19 19.48
CA LYS B 47 16.51 1.12 18.78
C LYS B 47 16.24 0.79 17.32
N PRO B 48 16.64 1.65 16.37
CA PRO B 48 16.33 1.37 14.97
C PRO B 48 17.02 0.11 14.48
N LYS B 49 16.27 -0.70 13.72
CA LYS B 49 16.84 -1.86 13.07
C LYS B 49 17.38 -1.47 11.69
N LYS B 50 18.17 -2.36 11.10
CA LYS B 50 18.94 -2.08 9.90
C LYS B 50 18.30 -2.75 8.69
N TRP B 51 17.89 -1.95 7.71
CA TRP B 51 17.36 -2.44 6.45
C TRP B 51 18.49 -2.60 5.43
N ALA B 52 18.34 -3.59 4.55
CA ALA B 52 19.21 -3.72 3.39
C ALA B 52 18.64 -2.87 2.26
N ASP B 53 19.42 -1.91 1.79
CA ASP B 53 19.02 -0.98 0.73
C ASP B 53 19.95 -1.20 -0.45
N PHE B 54 19.44 -1.83 -1.51
CA PHE B 54 20.19 -2.07 -2.75
C PHE B 54 19.89 -0.95 -3.73
N GLU B 55 20.93 -0.23 -4.18
CA GLU B 55 20.77 0.92 -5.06
C GLU B 55 21.58 0.73 -6.33
N ILE B 56 21.03 1.14 -7.46
CA ILE B 56 21.76 1.11 -8.73
C ILE B 56 21.57 2.43 -9.47
N PRO B 57 22.63 3.17 -9.77
CA PRO B 57 22.48 4.35 -10.62
C PRO B 57 22.17 3.98 -12.05
N PHE B 58 21.36 4.81 -12.71
CA PHE B 58 21.14 4.63 -14.14
C PHE B 58 20.84 5.97 -14.78
N LYS B 59 20.86 5.98 -16.11
CA LYS B 59 20.51 7.18 -16.85
C LYS B 59 19.85 6.76 -18.15
N VAL B 60 18.87 7.54 -18.60
CA VAL B 60 18.07 7.21 -19.78
C VAL B 60 18.35 8.22 -20.88
N GLU B 61 18.47 7.72 -22.11
CA GLU B 61 18.49 8.58 -23.30
C GLU B 61 17.53 7.98 -24.32
N ALA B 62 17.13 8.78 -25.32
CA ALA B 62 16.16 8.27 -26.28
C ALA B 62 16.35 8.91 -27.64
N ALA B 63 15.88 8.20 -28.67
CA ALA B 63 15.83 8.70 -30.03
C ALA B 63 14.41 8.49 -30.58
N PRO B 64 13.63 9.56 -30.84
CA PRO B 64 13.94 10.97 -30.59
C PRO B 64 13.69 11.29 -29.13
N THR B 65 14.10 12.45 -28.67
CA THR B 65 13.90 12.79 -27.26
C THR B 65 12.44 13.19 -27.05
N PRO B 66 11.76 12.60 -26.08
CA PRO B 66 10.36 13.02 -25.82
C PRO B 66 10.30 14.49 -25.47
N LYS B 67 9.33 15.18 -26.07
CA LYS B 67 9.15 16.60 -25.80
C LYS B 67 8.94 16.88 -24.31
N SER B 68 8.28 15.95 -23.61
CA SER B 68 8.03 16.13 -22.18
C SER B 68 9.28 15.92 -21.34
N GLY B 69 10.33 15.32 -21.91
CA GLY B 69 11.53 15.09 -21.13
C GLY B 69 11.47 13.85 -20.27
N TYR B 70 10.45 13.02 -20.45
CA TYR B 70 10.24 11.79 -19.70
C TYR B 70 9.76 10.69 -20.64
N ILE B 71 10.01 9.44 -20.23
CA ILE B 71 9.33 8.30 -20.84
C ILE B 71 8.29 7.76 -19.87
N ASP B 72 7.33 6.99 -20.43
CA ASP B 72 6.18 6.54 -19.64
C ASP B 72 6.61 5.67 -18.48
N ALA B 73 7.51 4.72 -18.72
CA ALA B 73 7.76 3.67 -17.75
C ALA B 73 9.04 2.93 -18.10
N LEU B 74 9.67 2.36 -17.08
CA LEU B 74 10.73 1.37 -17.24
C LEU B 74 10.50 0.29 -16.19
N THR B 75 10.76 -0.96 -16.56
CA THR B 75 10.65 -2.07 -15.62
C THR B 75 12.04 -2.55 -15.20
N PHE B 76 12.27 -2.62 -13.90
CA PHE B 76 13.51 -3.14 -13.33
C PHE B 76 13.24 -4.50 -12.70
N LYS B 77 14.06 -5.48 -13.04
CA LYS B 77 14.01 -6.82 -12.46
C LYS B 77 15.28 -7.03 -11.65
N PHE B 78 15.11 -7.26 -10.36
CA PHE B 78 16.20 -7.45 -9.43
C PHE B 78 16.31 -8.91 -9.07
N TYR B 79 17.54 -9.42 -9.06
CA TYR B 79 17.87 -10.79 -8.70
C TYR B 79 18.95 -10.77 -7.62
N ILE B 80 18.65 -11.35 -6.47
CA ILE B 80 19.61 -11.43 -5.37
C ILE B 80 19.71 -12.88 -4.92
N ALA B 81 20.93 -13.38 -4.78
CA ALA B 81 21.14 -14.75 -4.31
C ALA B 81 21.89 -14.74 -3.00
N VAL B 82 21.42 -15.55 -2.05
CA VAL B 82 22.00 -15.65 -0.72
C VAL B 82 22.07 -17.13 -0.35
N VAL B 83 22.86 -17.43 0.68
CA VAL B 83 22.93 -18.78 1.21
C VAL B 83 21.72 -19.03 2.10
N ASN B 84 21.00 -20.12 1.85
CA ASN B 84 19.87 -20.53 2.69
C ASN B 84 20.36 -20.80 4.10
N PRO B 85 19.92 -20.00 5.08
CA PRO B 85 20.41 -20.20 6.46
C PRO B 85 19.86 -21.45 7.14
N ASP B 86 18.86 -22.10 6.55
CA ASP B 86 18.28 -23.31 7.12
C ASP B 86 18.73 -24.58 6.41
N ARG B 87 19.36 -24.47 5.23
CA ARG B 87 19.90 -25.62 4.49
C ARG B 87 21.16 -25.12 3.79
N SER B 88 22.33 -25.40 4.39
CA SER B 88 23.53 -24.64 4.05
C SER B 88 24.09 -24.93 2.67
N ARG B 89 23.75 -26.07 2.05
CA ARG B 89 24.25 -26.40 0.72
C ARG B 89 23.36 -25.87 -0.39
N GLN B 90 22.52 -24.88 -0.10
CA GLN B 90 21.53 -24.40 -1.05
C GLN B 90 21.55 -22.88 -1.09
N TYR B 91 21.38 -22.34 -2.29
CA TYR B 91 21.21 -20.91 -2.49
C TYR B 91 19.73 -20.58 -2.65
N LEU B 92 19.32 -19.43 -2.12
CA LEU B 92 17.98 -18.89 -2.34
C LEU B 92 18.08 -17.74 -3.34
N LYS B 93 17.25 -17.78 -4.36
CA LYS B 93 17.18 -16.72 -5.36
C LYS B 93 15.95 -15.86 -5.09
N LEU B 94 16.17 -14.57 -4.83
CA LEU B 94 15.12 -13.61 -4.54
C LEU B 94 14.91 -12.70 -5.74
N TYR B 95 13.64 -12.45 -6.09
CA TYR B 95 13.31 -11.73 -7.30
C TYR B 95 12.31 -10.61 -6.99
N LYS B 96 12.42 -9.51 -7.72
CA LYS B 96 11.50 -8.39 -7.57
C LYS B 96 11.47 -7.59 -8.86
N GLU B 97 10.26 -7.30 -9.32
CA GLU B 97 10.03 -6.40 -10.42
C GLU B 97 9.54 -5.07 -9.85
N VAL B 98 10.20 -3.97 -10.24
CA VAL B 98 9.76 -2.62 -9.88
C VAL B 98 9.52 -1.89 -11.18
N LYS B 99 8.29 -1.43 -11.39
CA LYS B 99 7.95 -0.65 -12.56
C LYS B 99 7.91 0.82 -12.18
N TYR B 100 8.77 1.62 -12.79
CA TYR B 100 8.81 3.06 -12.55
C TYR B 100 8.01 3.77 -13.63
N VAL B 101 7.38 4.89 -13.26
CA VAL B 101 6.64 5.71 -14.22
C VAL B 101 7.20 7.11 -14.21
N ASN B 102 7.00 7.82 -15.32
CA ASN B 102 7.60 9.15 -15.53
C ASN B 102 9.10 9.12 -15.22
N VAL B 103 9.84 8.40 -16.06
CA VAL B 103 11.27 8.25 -15.89
C VAL B 103 11.95 9.39 -16.65
N PRO B 104 12.68 10.27 -15.99
CA PRO B 104 13.26 11.42 -16.70
C PRO B 104 14.38 10.98 -17.63
N VAL B 105 14.54 11.72 -18.72
CA VAL B 105 15.57 11.48 -19.72
C VAL B 105 16.75 12.37 -19.40
N GLY B 106 17.97 11.84 -19.51
CA GLY B 106 19.15 12.66 -19.36
C GLY B 106 19.47 13.09 -17.94
N GLU B 107 18.99 12.34 -16.94
CA GLU B 107 19.19 12.70 -15.55
C GLU B 107 19.80 11.53 -14.81
N ASN B 108 20.74 11.83 -13.92
CA ASN B 108 21.23 10.82 -12.99
C ASN B 108 20.09 10.37 -12.09
N THR B 109 19.68 9.11 -12.23
CA THR B 109 18.54 8.57 -11.50
C THR B 109 19.03 7.32 -10.77
N TYR B 110 18.21 6.84 -9.84
CA TYR B 110 18.52 5.62 -9.10
C TYR B 110 17.29 4.73 -9.05
N ALA B 111 17.52 3.43 -9.06
CA ALA B 111 16.50 2.43 -8.74
C ALA B 111 16.94 1.72 -7.48
N SER B 112 15.99 1.09 -6.79
CA SER B 112 16.34 0.49 -5.51
C SER B 112 15.35 -0.63 -5.16
N VAL B 113 15.83 -1.56 -4.33
CA VAL B 113 15.00 -2.59 -3.71
CA VAL B 113 15.03 -2.62 -3.73
C VAL B 113 15.57 -2.87 -2.32
N TYR B 114 14.73 -3.45 -1.46
CA TYR B 114 15.06 -3.56 -0.05
C TYR B 114 14.77 -4.96 0.48
N LEU B 115 15.51 -5.32 1.53
CA LEU B 115 15.19 -6.46 2.38
C LEU B 115 14.99 -5.96 3.81
N SER B 116 14.00 -6.54 4.51
CA SER B 116 13.64 -6.09 5.83
C SER B 116 14.74 -6.46 6.84
N PRO B 117 14.72 -5.85 8.03
CA PRO B 117 15.70 -6.24 9.06
C PRO B 117 15.58 -7.71 9.45
N SER B 118 14.36 -8.25 9.50
CA SER B 118 14.22 -9.66 9.88
C SER B 118 14.70 -10.59 8.77
N SER B 119 14.57 -10.18 7.50
CA SER B 119 15.17 -10.98 6.42
C SER B 119 16.69 -11.02 6.57
N VAL B 120 17.31 -9.86 6.81
CA VAL B 120 18.76 -9.80 6.97
C VAL B 120 19.20 -10.61 8.19
N LYS B 121 18.49 -10.47 9.30
CA LYS B 121 18.89 -11.19 10.51
C LYS B 121 18.72 -12.69 10.33
N ARG B 122 17.64 -13.12 9.67
CA ARG B 122 17.45 -14.54 9.42
C ARG B 122 18.55 -15.08 8.52
N ILE B 123 18.90 -14.33 7.46
CA ILE B 123 19.89 -14.83 6.50
C ILE B 123 21.26 -14.95 7.16
N THR B 124 21.64 -13.94 7.95
CA THR B 124 23.03 -13.79 8.40
C THR B 124 23.25 -14.22 9.84
N GLY B 125 22.19 -14.27 10.66
CA GLY B 125 22.32 -14.60 12.06
C GLY B 125 22.46 -13.42 13.01
N VAL B 126 22.67 -12.21 12.50
CA VAL B 126 22.83 -11.03 13.36
CA VAL B 126 22.82 -11.03 13.36
C VAL B 126 22.09 -9.85 12.74
N GLU B 127 21.62 -8.96 13.61
CA GLU B 127 20.98 -7.73 13.17
C GLU B 127 22.01 -6.86 12.43
N GLY B 128 21.62 -6.34 11.26
CA GLY B 128 22.54 -5.59 10.44
C GLY B 128 23.40 -6.42 9.51
N GLY B 129 23.45 -7.73 9.70
CA GLY B 129 24.18 -8.61 8.82
C GLY B 129 25.67 -8.69 9.16
N ARG B 130 26.32 -9.68 8.55
CA ARG B 130 27.76 -9.84 8.66
C ARG B 130 28.26 -10.61 7.46
N GLY B 131 29.54 -10.40 7.14
CA GLY B 131 30.17 -11.05 6.02
C GLY B 131 29.65 -10.51 4.70
N LYS B 132 30.11 -11.14 3.63
CA LYS B 132 29.54 -10.89 2.31
C LYS B 132 28.40 -11.88 2.15
N TRP B 133 27.24 -11.52 2.71
CA TRP B 133 26.10 -12.41 2.66
C TRP B 133 25.33 -12.35 1.34
N VAL B 134 25.53 -11.31 0.54
CA VAL B 134 24.99 -11.26 -0.81
C VAL B 134 25.98 -11.96 -1.74
N LYS B 135 25.59 -13.12 -2.26
CA LYS B 135 26.50 -13.94 -3.05
C LYS B 135 26.43 -13.66 -4.54
N TYR B 136 25.26 -13.32 -5.07
CA TYR B 136 25.10 -12.94 -6.47
C TYR B 136 24.09 -11.81 -6.57
N GLN B 137 24.31 -10.93 -7.55
CA GLN B 137 23.41 -9.81 -7.82
C GLN B 137 23.17 -9.68 -9.31
N GLY B 138 21.98 -9.25 -9.68
CA GLY B 138 21.65 -8.98 -11.07
C GLY B 138 20.53 -7.97 -11.17
N VAL B 139 20.57 -7.17 -12.23
CA VAL B 139 19.51 -6.20 -12.53
C VAL B 139 19.29 -6.21 -14.04
N VAL B 140 18.05 -6.41 -14.47
CA VAL B 140 17.66 -6.36 -15.87
C VAL B 140 16.61 -5.27 -16.03
N VAL B 141 16.81 -4.40 -17.01
CA VAL B 141 15.92 -3.29 -17.31
C VAL B 141 15.21 -3.56 -18.63
N GLU B 142 13.90 -3.33 -18.66
CA GLU B 142 13.10 -3.50 -19.85
C GLU B 142 12.34 -2.23 -20.18
N TYR B 143 12.25 -1.92 -21.48
CA TYR B 143 11.39 -0.85 -21.96
C TYR B 143 10.43 -1.43 -22.98
N ASN B 144 9.12 -1.26 -22.75
CA ASN B 144 8.10 -1.84 -23.63
C ASN B 144 8.34 -3.33 -23.86
N GLY B 145 8.72 -4.03 -22.79
CA GLY B 145 8.87 -5.47 -22.86
C GLY B 145 10.17 -5.97 -23.46
N LYS B 146 11.09 -5.09 -23.83
CA LYS B 146 12.39 -5.48 -24.38
C LYS B 146 13.51 -5.11 -23.43
N ILE B 147 14.46 -6.03 -23.26
CA ILE B 147 15.62 -5.77 -22.40
C ILE B 147 16.49 -4.70 -23.04
N VAL B 148 16.80 -3.66 -22.27
CA VAL B 148 17.67 -2.58 -22.75
C VAL B 148 18.95 -2.45 -21.93
N ALA B 149 19.08 -3.13 -20.80
CA ALA B 149 20.30 -3.03 -20.02
C ALA B 149 20.35 -4.17 -19.03
N THR B 150 21.57 -4.62 -18.72
CA THR B 150 21.77 -5.68 -17.75
C THR B 150 23.00 -5.37 -16.92
N TYR B 151 22.87 -5.53 -15.61
CA TYR B 151 23.98 -5.50 -14.67
C TYR B 151 24.06 -6.86 -14.00
N SER B 152 25.29 -7.33 -13.76
CA SER B 152 25.49 -8.56 -13.01
C SER B 152 26.77 -8.47 -12.20
N SER B 153 26.76 -9.15 -11.05
CA SER B 153 27.98 -9.30 -10.27
C SER B 153 28.94 -10.32 -10.86
N GLU B 154 28.51 -11.06 -11.87
CA GLU B 154 29.33 -12.09 -12.50
C GLU B 154 29.65 -11.70 -13.94
N ARG B 155 30.72 -12.30 -14.47
CA ARG B 155 31.18 -12.01 -15.82
C ARG B 155 31.23 -13.27 -16.66
N GLY B 156 31.16 -13.08 -17.97
CA GLY B 156 31.36 -14.20 -18.89
C GLY B 156 30.21 -15.17 -18.88
N LYS B 157 30.54 -16.45 -18.69
CA LYS B 157 29.54 -17.51 -18.75
C LYS B 157 28.56 -17.42 -17.59
N MET B 158 29.00 -16.92 -16.45
CA MET B 158 28.15 -16.83 -15.27
C MET B 158 27.37 -15.52 -15.20
N GLU B 159 27.43 -14.68 -16.24
CA GLU B 159 26.85 -13.35 -16.17
C GLU B 159 25.37 -13.40 -15.82
N LYS B 160 24.58 -14.11 -16.61
CA LYS B 160 23.13 -14.20 -16.40
C LYS B 160 22.81 -15.42 -15.52
N TRP B 161 23.40 -15.39 -14.32
CA TRP B 161 23.26 -16.51 -13.39
C TRP B 161 21.81 -16.77 -13.01
N TRP B 162 20.95 -15.75 -13.07
CA TRP B 162 19.54 -15.97 -12.72
C TRP B 162 18.80 -16.83 -13.73
N THR B 163 19.39 -17.12 -14.89
CA THR B 163 18.79 -18.03 -15.86
C THR B 163 19.26 -19.47 -15.69
N ILE B 164 20.24 -19.71 -14.84
CA ILE B 164 20.84 -21.03 -14.67
C ILE B 164 19.91 -21.90 -13.83
N GLN B 165 19.42 -22.99 -14.42
CA GLN B 165 18.62 -23.95 -13.68
C GLN B 165 19.56 -24.94 -12.98
N SER B 166 19.41 -25.06 -11.66
CA SER B 166 20.32 -25.88 -10.87
C SER B 166 19.61 -26.31 -9.60
N PRO B 167 19.89 -27.52 -9.11
CA PRO B 167 19.27 -27.96 -7.84
C PRO B 167 19.79 -27.22 -6.64
N SER B 168 20.98 -26.63 -6.73
CA SER B 168 21.63 -25.96 -5.61
C SER B 168 21.12 -24.53 -5.41
N ILE B 169 20.23 -24.04 -6.27
CA ILE B 169 19.64 -22.71 -6.10
C ILE B 169 18.16 -22.80 -6.40
N VAL B 170 17.33 -22.27 -5.50
CA VAL B 170 15.88 -22.32 -5.66
C VAL B 170 15.32 -20.91 -5.42
N GLU B 171 14.35 -20.53 -6.24
CA GLU B 171 13.66 -19.26 -6.04
C GLU B 171 12.63 -19.40 -4.93
N THR B 172 12.50 -18.36 -4.12
CA THR B 172 11.50 -18.33 -3.08
C THR B 172 10.86 -16.95 -3.02
N SER B 173 9.56 -16.93 -2.70
CA SER B 173 8.85 -15.70 -2.40
C SER B 173 9.04 -15.26 -0.96
N TYR B 174 9.55 -16.15 -0.10
CA TYR B 174 9.93 -15.75 1.23
C TYR B 174 11.19 -14.89 1.16
N TYR B 175 11.59 -14.33 2.29
CA TYR B 175 12.59 -13.27 2.32
C TYR B 175 12.22 -12.22 1.26
N PRO B 176 11.03 -11.62 1.36
CA PRO B 176 10.53 -10.84 0.21
C PRO B 176 11.35 -9.58 -0.05
N LEU B 177 11.70 -9.37 -1.31
CA LEU B 177 12.26 -8.11 -1.75
C LEU B 177 11.14 -7.09 -1.84
N LEU B 178 11.42 -5.86 -1.41
CA LEU B 178 10.41 -4.84 -1.25
C LEU B 178 10.81 -3.62 -2.07
N ASN B 179 9.82 -3.01 -2.73
CA ASN B 179 10.11 -1.72 -3.35
C ASN B 179 10.01 -0.63 -2.29
N LYS B 180 10.46 0.57 -2.66
CA LYS B 180 10.58 1.63 -1.64
C LYS B 180 9.23 1.97 -1.02
N ASP B 181 8.14 1.86 -1.78
CA ASP B 181 6.82 2.18 -1.22
C ASP B 181 6.32 1.09 -0.28
N GLU B 182 7.00 -0.05 -0.21
CA GLU B 182 6.70 -1.14 0.71
C GLU B 182 7.61 -1.15 1.93
N THR B 183 8.28 -0.04 2.19
CA THR B 183 9.21 0.14 3.30
C THR B 183 8.88 1.42 4.03
N PRO B 184 9.42 1.63 5.24
CA PRO B 184 9.25 2.92 5.91
C PRO B 184 10.01 4.06 5.26
N PHE B 185 10.88 3.80 4.28
CA PHE B 185 11.56 4.88 3.58
C PHE B 185 10.64 5.60 2.60
N SER B 186 9.41 5.11 2.44
CA SER B 186 8.44 5.81 1.61
CA SER B 186 8.44 5.81 1.62
C SER B 186 8.17 7.21 2.15
N VAL B 187 8.37 7.43 3.46
CA VAL B 187 8.15 8.75 4.05
C VAL B 187 9.16 9.79 3.55
N PHE B 188 10.24 9.35 2.90
CA PHE B 188 11.31 10.23 2.44
C PHE B 188 11.22 10.32 0.92
N TRP B 189 10.66 11.43 0.43
CA TRP B 189 10.55 11.65 -1.00
C TRP B 189 11.83 12.30 -1.50
N TYR B 190 12.55 11.60 -2.36
CA TYR B 190 13.79 12.07 -2.96
C TYR B 190 13.61 12.19 -4.47
N ASP B 191 14.17 13.25 -5.04
CA ASP B 191 14.02 13.48 -6.47
C ASP B 191 14.69 12.37 -7.28
N ARG B 192 15.72 11.74 -6.72
CA ARG B 192 16.52 10.76 -7.46
C ARG B 192 15.77 9.46 -7.74
N TYR B 193 14.71 9.15 -6.98
CA TYR B 193 14.03 7.93 -7.40
C TYR B 193 12.77 8.27 -8.17
N PRO B 194 12.50 7.58 -9.27
CA PRO B 194 11.22 7.81 -9.96
C PRO B 194 10.06 7.25 -9.17
N GLU B 195 8.88 7.74 -9.52
CA GLU B 195 7.61 7.23 -9.00
C GLU B 195 7.45 5.76 -9.35
N ILE B 196 6.99 4.95 -8.38
CA ILE B 196 6.76 3.53 -8.57
C ILE B 196 5.31 3.30 -8.92
N MET B 197 5.06 2.55 -9.99
CA MET B 197 3.69 2.22 -10.36
CA MET B 197 3.69 2.22 -10.36
C MET B 197 3.07 1.29 -9.32
N ARG B 198 1.90 1.67 -8.81
CA ARG B 198 1.22 0.88 -7.79
C ARG B 198 0.72 -0.44 -8.38
N PRO B 199 0.48 -1.44 -7.52
CA PRO B 199 -0.10 -2.70 -8.03
C PRO B 199 -1.43 -2.44 -8.72
N ASN B 200 -1.61 -3.06 -9.88
CA ASN B 200 -2.80 -2.82 -10.69
C ASN B 200 -3.95 -3.75 -10.28
N MET C 9 -20.46 -7.76 -2.60
CA MET C 9 -20.49 -6.62 -1.70
C MET C 9 -21.92 -6.11 -1.48
N GLN C 10 -22.77 -6.97 -0.95
CA GLN C 10 -24.16 -6.60 -0.70
C GLN C 10 -24.23 -5.62 0.47
N THR C 11 -25.22 -4.73 0.41
CA THR C 11 -25.40 -3.74 1.46
C THR C 11 -25.67 -4.41 2.80
N THR C 12 -25.02 -3.90 3.85
CA THR C 12 -25.31 -4.30 5.23
C THR C 12 -26.53 -3.57 5.79
N SER C 13 -27.16 -2.73 4.99
CA SER C 13 -28.18 -1.82 5.44
C SER C 13 -29.47 -2.10 4.67
N ASN C 14 -30.44 -1.22 4.84
CA ASN C 14 -31.69 -1.31 4.09
C ASN C 14 -31.39 -1.30 2.59
N PRO C 15 -31.71 -2.37 1.85
CA PRO C 15 -31.41 -2.39 0.41
C PRO C 15 -32.31 -1.48 -0.40
N ARG C 16 -33.43 -1.02 0.16
CA ARG C 16 -34.27 -0.04 -0.49
C ARG C 16 -33.82 1.39 -0.24
N MET C 17 -32.87 1.61 0.67
CA MET C 17 -32.40 2.97 0.93
C MET C 17 -31.80 3.58 -0.33
N GLN C 18 -32.12 4.84 -0.57
CA GLN C 18 -31.55 5.60 -1.67
C GLN C 18 -30.75 6.76 -1.09
N VAL C 19 -29.82 7.25 -1.89
CA VAL C 19 -28.82 8.19 -1.44
C VAL C 19 -28.74 9.33 -2.44
N ARG C 20 -28.59 10.55 -1.91
CA ARG C 20 -28.33 11.74 -2.72
C ARG C 20 -27.07 12.43 -2.26
N VAL C 21 -26.24 12.82 -3.22
CA VAL C 21 -24.94 13.43 -2.95
C VAL C 21 -24.93 14.83 -3.54
N SER C 22 -24.69 15.82 -2.69
CA SER C 22 -24.55 17.21 -3.13
CA SER C 22 -24.55 17.21 -3.13
C SER C 22 -23.07 17.49 -3.33
N LEU C 23 -22.65 17.67 -4.58
CA LEU C 23 -21.26 17.99 -4.92
C LEU C 23 -21.07 19.49 -5.06
N GLU C 24 -19.91 19.97 -4.62
CA GLU C 24 -19.48 21.30 -5.01
C GLU C 24 -18.56 21.13 -6.21
N LYS C 25 -17.51 21.94 -6.35
CA LYS C 25 -16.67 21.84 -7.52
C LYS C 25 -15.35 21.15 -7.17
N LEU C 26 -14.78 20.44 -8.14
CA LEU C 26 -13.40 19.95 -8.02
C LEU C 26 -12.44 21.12 -8.19
N SER C 27 -11.59 21.34 -7.19
CA SER C 27 -10.55 22.37 -7.21
C SER C 27 -9.18 21.73 -7.17
N LEU C 28 -8.23 22.36 -7.85
CA LEU C 28 -6.83 21.92 -7.81
C LEU C 28 -6.05 22.78 -6.83
N TYR C 29 -5.41 22.12 -5.87
CA TYR C 29 -4.45 22.75 -4.97
C TYR C 29 -3.09 22.14 -5.19
N MET C 30 -2.08 22.98 -5.43
CA MET C 30 -0.70 22.50 -5.45
C MET C 30 -0.17 22.57 -4.02
N ARG C 31 0.33 21.45 -3.52
CA ARG C 31 0.67 21.35 -2.10
C ARG C 31 1.96 20.57 -1.95
N GLN C 32 2.84 21.04 -1.08
CA GLN C 32 4.09 20.31 -0.82
CA GLN C 32 4.06 20.26 -0.89
C GLN C 32 3.77 19.08 0.02
N SER C 33 4.47 17.98 -0.24
CA SER C 33 4.22 16.79 0.57
C SER C 33 4.78 17.03 1.96
N PRO C 34 4.27 16.32 2.97
CA PRO C 34 4.70 16.58 4.34
C PRO C 34 6.19 16.28 4.51
N ASN C 35 6.87 17.18 5.22
CA ASN C 35 8.29 17.00 5.53
C ASN C 35 8.37 16.49 6.96
N VAL C 36 8.40 15.17 7.09
CA VAL C 36 8.25 14.51 8.37
C VAL C 36 9.55 14.63 9.16
N LEU C 37 9.44 14.97 10.45
CA LEU C 37 10.62 15.05 11.32
C LEU C 37 11.02 13.68 11.82
N THR C 38 12.33 13.41 11.89
CA THR C 38 12.80 12.13 12.39
C THR C 38 13.89 12.34 13.45
N GLN C 39 14.11 11.28 14.23
CA GLN C 39 15.12 11.33 15.30
C GLN C 39 16.49 11.71 14.74
N ASP C 40 17.02 10.91 13.83
CA ASP C 40 18.29 11.17 13.15
C ASP C 40 17.97 11.58 11.72
N ASP C 41 17.96 12.88 11.46
CA ASP C 41 17.62 13.35 10.13
C ASP C 41 18.64 12.86 9.10
N PRO C 42 18.20 12.48 7.91
CA PRO C 42 19.15 12.08 6.86
C PRO C 42 19.88 13.28 6.29
N ARG C 43 21.07 13.02 5.76
CA ARG C 43 21.87 14.05 5.09
C ARG C 43 22.14 13.62 3.66
N PRO C 44 21.63 14.35 2.64
CA PRO C 44 20.83 15.57 2.81
C PRO C 44 19.36 15.33 3.22
N LEU C 45 18.74 16.37 3.78
CA LEU C 45 17.33 16.33 4.14
C LEU C 45 16.48 16.26 2.87
N PRO C 46 15.42 15.44 2.86
CA PRO C 46 14.52 15.44 1.69
C PRO C 46 13.91 16.82 1.48
N LYS C 47 13.82 17.21 0.22
CA LYS C 47 13.22 18.50 -0.14
C LYS C 47 11.92 18.24 -0.88
N PRO C 48 10.80 18.10 -0.17
CA PRO C 48 9.54 17.72 -0.83
C PRO C 48 9.12 18.73 -1.89
N LYS C 49 8.51 18.21 -2.95
CA LYS C 49 8.01 19.01 -4.05
C LYS C 49 6.48 19.10 -3.97
N LYS C 50 5.90 19.84 -4.91
CA LYS C 50 4.47 20.10 -4.88
C LYS C 50 3.69 19.05 -5.69
N TRP C 51 2.72 18.44 -5.01
CA TRP C 51 1.78 17.51 -5.59
C TRP C 51 0.54 18.26 -6.08
N ALA C 52 -0.10 17.73 -7.12
CA ALA C 52 -1.43 18.19 -7.50
C ALA C 52 -2.46 17.48 -6.63
N ASP C 53 -3.24 18.24 -5.87
CA ASP C 53 -4.25 17.69 -4.97
C ASP C 53 -5.60 18.22 -5.44
N PHE C 54 -6.39 17.33 -6.07
CA PHE C 54 -7.71 17.68 -6.57
C PHE C 54 -8.72 17.40 -5.47
N GLU C 55 -9.46 18.42 -5.04
CA GLU C 55 -10.36 18.31 -3.89
C GLU C 55 -11.78 18.64 -4.33
N ILE C 56 -12.76 17.83 -3.92
CA ILE C 56 -14.16 18.15 -4.15
C ILE C 56 -14.97 18.00 -2.85
N PRO C 57 -15.56 19.08 -2.35
CA PRO C 57 -16.44 18.97 -1.19
C PRO C 57 -17.74 18.26 -1.56
N PHE C 58 -18.28 17.52 -0.60
CA PHE C 58 -19.59 16.92 -0.83
C PHE C 58 -20.28 16.62 0.50
N LYS C 59 -21.60 16.41 0.41
CA LYS C 59 -22.42 16.03 1.55
C LYS C 59 -23.44 15.01 1.06
N VAL C 60 -23.76 14.03 1.90
CA VAL C 60 -24.67 12.94 1.58
C VAL C 60 -25.96 13.11 2.37
N GLU C 61 -27.09 12.78 1.74
CA GLU C 61 -28.35 12.61 2.47
C GLU C 61 -28.99 11.32 1.98
N ALA C 62 -29.98 10.81 2.73
CA ALA C 62 -30.53 9.52 2.38
C ALA C 62 -32.00 9.42 2.79
N ALA C 63 -32.68 8.51 2.11
CA ALA C 63 -34.09 8.20 2.31
C ALA C 63 -34.26 6.67 2.31
N PRO C 64 -34.55 6.05 3.46
CA PRO C 64 -34.63 6.70 4.77
C PRO C 64 -33.24 6.90 5.34
N THR C 65 -33.15 7.60 6.45
CA THR C 65 -31.85 7.86 7.05
C THR C 65 -31.36 6.61 7.76
N PRO C 66 -30.13 6.14 7.47
CA PRO C 66 -29.64 4.92 8.11
C PRO C 66 -29.47 5.13 9.61
N LYS C 67 -29.86 4.11 10.38
CA LYS C 67 -29.81 4.21 11.83
CA LYS C 67 -29.81 4.18 11.83
C LYS C 67 -28.39 4.49 12.33
N SER C 68 -27.38 3.93 11.65
CA SER C 68 -25.99 4.12 12.04
C SER C 68 -25.47 5.52 11.72
N GLY C 69 -26.17 6.29 10.91
CA GLY C 69 -25.68 7.59 10.49
C GLY C 69 -24.70 7.54 9.34
N TYR C 70 -24.47 6.37 8.76
CA TYR C 70 -23.48 6.16 7.72
C TYR C 70 -24.05 5.25 6.64
N ILE C 71 -23.52 5.37 5.43
CA ILE C 71 -23.78 4.39 4.37
C ILE C 71 -22.51 3.57 4.15
N ASP C 72 -22.70 2.38 3.56
CA ASP C 72 -21.60 1.44 3.37
C ASP C 72 -20.46 2.02 2.55
N ALA C 73 -20.79 2.61 1.40
CA ALA C 73 -19.74 3.01 0.44
C ALA C 73 -20.33 3.96 -0.59
N LEU C 74 -19.44 4.72 -1.23
CA LEU C 74 -19.72 5.52 -2.41
C LEU C 74 -18.51 5.38 -3.32
N THR C 75 -18.75 5.25 -4.61
CA THR C 75 -17.64 5.20 -5.57
C THR C 75 -17.55 6.53 -6.30
N PHE C 76 -16.37 7.16 -6.22
CA PHE C 76 -16.10 8.40 -6.93
C PHE C 76 -15.25 8.08 -8.15
N LYS C 77 -15.69 8.51 -9.33
CA LYS C 77 -14.91 8.36 -10.55
C LYS C 77 -14.42 9.74 -10.97
N PHE C 78 -13.10 9.90 -11.04
CA PHE C 78 -12.48 11.16 -11.42
C PHE C 78 -11.98 11.09 -12.86
N TYR C 79 -12.25 12.15 -13.62
CA TYR C 79 -11.78 12.28 -15.00
C TYR C 79 -11.06 13.61 -15.12
N ILE C 80 -9.80 13.57 -15.56
CA ILE C 80 -8.99 14.76 -15.71
CA ILE C 80 -8.96 14.75 -15.69
C ILE C 80 -8.35 14.73 -17.09
N ALA C 81 -8.46 15.84 -17.81
CA ALA C 81 -7.93 15.96 -19.17
C ALA C 81 -6.83 17.00 -19.20
N VAL C 82 -5.69 16.64 -19.79
CA VAL C 82 -4.55 17.53 -19.96
C VAL C 82 -4.04 17.36 -21.39
N VAL C 83 -3.29 18.36 -21.86
CA VAL C 83 -2.64 18.24 -23.16
C VAL C 83 -1.48 17.27 -23.05
N ASN C 84 -1.42 16.31 -23.99
CA ASN C 84 -0.30 15.38 -24.07
C ASN C 84 0.97 16.18 -24.32
N PRO C 85 1.90 16.22 -23.36
CA PRO C 85 3.12 17.02 -23.57
C PRO C 85 4.04 16.44 -24.62
N ASP C 86 3.85 15.18 -25.01
CA ASP C 86 4.66 14.53 -26.04
C ASP C 86 4.05 14.62 -27.41
N ARG C 87 2.72 14.82 -27.51
CA ARG C 87 2.00 14.94 -28.79
C ARG C 87 0.91 15.99 -28.57
N SER C 88 1.30 17.26 -28.70
CA SER C 88 0.42 18.36 -28.32
C SER C 88 -0.86 18.44 -29.16
N ARG C 89 -0.97 17.65 -30.22
CA ARG C 89 -2.20 17.61 -31.00
C ARG C 89 -3.34 16.91 -30.25
N GLN C 90 -3.06 16.22 -29.13
CA GLN C 90 -4.08 15.43 -28.48
C GLN C 90 -4.13 15.71 -26.97
N TYR C 91 -5.24 15.30 -26.37
CA TYR C 91 -5.45 15.36 -24.93
C TYR C 91 -5.28 13.97 -24.33
N LEU C 92 -4.79 13.93 -23.10
CA LEU C 92 -4.76 12.72 -22.30
C LEU C 92 -5.93 12.74 -21.32
N LYS C 93 -6.66 11.64 -21.25
CA LYS C 93 -7.73 11.49 -20.27
C LYS C 93 -7.24 10.58 -19.16
N LEU C 94 -7.15 11.13 -17.95
CA LEU C 94 -6.70 10.40 -16.77
C LEU C 94 -7.91 10.02 -15.94
N TYR C 95 -7.95 8.77 -15.48
CA TYR C 95 -9.12 8.24 -14.80
C TYR C 95 -8.73 7.60 -13.48
N LYS C 96 -9.58 7.77 -12.47
CA LYS C 96 -9.36 7.08 -11.20
C LYS C 96 -10.68 6.80 -10.52
N GLU C 97 -10.84 5.57 -10.03
CA GLU C 97 -11.93 5.18 -9.14
C GLU C 97 -11.44 5.17 -7.70
N VAL C 98 -12.16 5.86 -6.81
CA VAL C 98 -11.91 5.84 -5.38
C VAL C 98 -13.18 5.36 -4.70
N LYS C 99 -13.11 4.23 -4.01
CA LYS C 99 -14.27 3.72 -3.28
C LYS C 99 -14.10 4.10 -1.81
N TYR C 100 -14.98 4.96 -1.31
CA TYR C 100 -14.97 5.37 0.08
C TYR C 100 -15.89 4.44 0.85
N VAL C 101 -15.52 4.14 2.10
CA VAL C 101 -16.36 3.29 2.95
C VAL C 101 -16.69 4.06 4.22
N ASN C 102 -17.83 3.71 4.81
CA ASN C 102 -18.35 4.38 6.00
C ASN C 102 -18.49 5.88 5.74
N VAL C 103 -19.35 6.24 4.80
CA VAL C 103 -19.54 7.63 4.42
C VAL C 103 -20.63 8.19 5.31
N PRO C 104 -20.35 9.21 6.12
CA PRO C 104 -21.36 9.74 7.03
C PRO C 104 -22.43 10.47 6.26
N VAL C 105 -23.65 10.47 6.81
CA VAL C 105 -24.78 11.16 6.22
C VAL C 105 -24.98 12.48 6.96
N GLY C 106 -25.28 13.55 6.22
CA GLY C 106 -25.54 14.83 6.84
C GLY C 106 -24.32 15.61 7.27
N GLU C 107 -23.15 15.30 6.72
CA GLU C 107 -21.89 15.87 7.19
C GLU C 107 -21.05 16.32 6.01
N ASN C 108 -20.56 17.56 6.06
CA ASN C 108 -19.68 18.03 5.00
C ASN C 108 -18.38 17.25 5.07
N THR C 109 -17.93 16.76 3.92
CA THR C 109 -16.67 16.04 3.86
C THR C 109 -16.06 16.29 2.48
N TYR C 110 -15.01 15.54 2.15
CA TYR C 110 -14.26 15.78 0.91
C TYR C 110 -13.87 14.46 0.26
N ALA C 111 -13.76 14.49 -1.06
CA ALA C 111 -13.10 13.45 -1.83
C ALA C 111 -11.88 14.05 -2.53
N SER C 112 -10.91 13.21 -2.90
CA SER C 112 -9.71 13.77 -3.51
C SER C 112 -9.00 12.73 -4.39
N VAL C 113 -8.19 13.24 -5.32
CA VAL C 113 -7.25 12.43 -6.09
CA VAL C 113 -7.28 12.44 -6.11
C VAL C 113 -6.03 13.29 -6.36
N TYR C 114 -4.92 12.65 -6.72
CA TYR C 114 -3.63 13.33 -6.74
C TYR C 114 -2.83 12.98 -7.99
N LEU C 115 -1.99 13.92 -8.41
CA LEU C 115 -0.92 13.64 -9.36
C LEU C 115 0.42 13.92 -8.70
N SER C 116 1.41 13.05 -8.96
CA SER C 116 2.72 13.19 -8.35
C SER C 116 3.46 14.42 -8.89
N PRO C 117 4.51 14.87 -8.21
CA PRO C 117 5.32 15.96 -8.77
C PRO C 117 5.89 15.63 -10.14
N SER C 118 6.28 14.38 -10.39
CA SER C 118 6.84 14.08 -11.70
C SER C 118 5.77 14.07 -12.79
N SER C 119 4.54 13.65 -12.47
CA SER C 119 3.45 13.80 -13.44
C SER C 119 3.20 15.26 -13.77
N VAL C 120 3.21 16.14 -12.75
CA VAL C 120 2.94 17.56 -12.99
C VAL C 120 4.06 18.17 -13.82
N LYS C 121 5.32 17.87 -13.47
CA LYS C 121 6.44 18.43 -14.20
C LYS C 121 6.47 17.93 -15.64
N ARG C 122 6.16 16.65 -15.84
CA ARG C 122 6.10 16.09 -17.19
C ARG C 122 5.01 16.77 -18.02
N ILE C 123 3.84 17.01 -17.42
CA ILE C 123 2.73 17.62 -18.16
C ILE C 123 3.04 19.07 -18.52
N THR C 124 3.57 19.82 -17.56
CA THR C 124 3.66 21.27 -17.69
C THR C 124 5.05 21.76 -18.10
N GLY C 125 6.08 20.93 -17.92
CA GLY C 125 7.43 21.33 -18.23
C GLY C 125 8.18 22.01 -17.11
N VAL C 126 7.52 22.30 -16.00
CA VAL C 126 8.17 22.98 -14.88
C VAL C 126 7.67 22.39 -13.58
N GLU C 127 8.56 22.30 -12.60
CA GLU C 127 8.21 21.84 -11.27
C GLU C 127 7.15 22.76 -10.65
N GLY C 128 6.09 22.16 -10.11
CA GLY C 128 5.00 22.91 -9.54
C GLY C 128 3.94 23.35 -10.52
N GLY C 129 4.12 23.09 -11.81
CA GLY C 129 3.14 23.42 -12.81
C GLY C 129 3.19 24.89 -13.21
N ARG C 130 2.58 25.18 -14.36
CA ARG C 130 2.39 26.53 -14.85
C ARG C 130 1.20 26.52 -15.80
N GLY C 131 0.46 27.63 -15.81
CA GLY C 131 -0.68 27.78 -16.70
C GLY C 131 -1.90 27.03 -16.22
N LYS C 132 -2.93 27.07 -17.07
CA LYS C 132 -4.13 26.27 -16.87
C LYS C 132 -3.93 24.92 -17.55
N TRP C 133 -3.09 24.09 -16.92
CA TRP C 133 -2.75 22.83 -17.54
C TRP C 133 -3.84 21.79 -17.42
N VAL C 134 -4.82 21.99 -16.53
CA VAL C 134 -5.98 21.11 -16.45
C VAL C 134 -7.03 21.64 -17.42
N LYS C 135 -7.29 20.89 -18.49
CA LYS C 135 -8.20 21.35 -19.53
C LYS C 135 -9.66 21.02 -19.22
N TYR C 136 -9.93 19.79 -18.79
CA TYR C 136 -11.28 19.37 -18.41
C TYR C 136 -11.22 18.59 -17.11
N GLN C 137 -12.31 18.67 -16.35
CA GLN C 137 -12.48 17.93 -15.10
C GLN C 137 -13.88 17.35 -15.02
N GLY C 138 -14.00 16.18 -14.39
CA GLY C 138 -15.31 15.63 -14.12
C GLY C 138 -15.25 14.67 -12.94
N VAL C 139 -16.34 14.60 -12.19
CA VAL C 139 -16.48 13.66 -11.09
C VAL C 139 -17.87 13.03 -11.17
N VAL C 140 -17.92 11.71 -11.16
CA VAL C 140 -19.18 10.96 -11.14
C VAL C 140 -19.22 10.12 -9.87
N VAL C 141 -20.31 10.22 -9.12
CA VAL C 141 -20.47 9.49 -7.86
C VAL C 141 -21.53 8.42 -8.05
N GLU C 142 -21.19 7.18 -7.68
CA GLU C 142 -22.13 6.08 -7.75
C GLU C 142 -22.42 5.53 -6.35
N TYR C 143 -23.67 5.13 -6.13
CA TYR C 143 -24.07 4.39 -4.94
C TYR C 143 -24.73 3.10 -5.40
N ASN C 144 -24.22 1.97 -4.91
CA ASN C 144 -24.69 0.65 -5.34
C ASN C 144 -24.76 0.53 -6.86
N GLY C 145 -23.72 1.03 -7.54
CA GLY C 145 -23.64 0.87 -8.97
C GLY C 145 -24.51 1.79 -9.79
N LYS C 146 -25.15 2.77 -9.18
CA LYS C 146 -26.00 3.73 -9.88
C LYS C 146 -25.44 5.14 -9.69
N ILE C 147 -25.35 5.89 -10.78
CA ILE C 147 -24.89 7.27 -10.72
C ILE C 147 -25.91 8.10 -9.93
N VAL C 148 -25.44 8.79 -8.90
CA VAL C 148 -26.31 9.68 -8.14
C VAL C 148 -25.88 11.15 -8.23
N ALA C 149 -24.65 11.46 -8.65
CA ALA C 149 -24.27 12.86 -8.75
C ALA C 149 -23.14 12.99 -9.76
N THR C 150 -23.10 14.16 -10.41
CA THR C 150 -22.09 14.44 -11.43
C THR C 150 -21.64 15.88 -11.30
N TYR C 151 -20.33 16.09 -11.34
CA TYR C 151 -19.73 17.42 -11.46
C TYR C 151 -18.97 17.47 -12.78
N SER C 152 -19.03 18.61 -13.47
CA SER C 152 -18.21 18.76 -14.66
C SER C 152 -17.75 20.21 -14.79
N SER C 153 -16.51 20.40 -15.25
CA SER C 153 -16.01 21.74 -15.54
C SER C 153 -16.67 22.34 -16.79
N GLU C 154 -17.34 21.53 -17.60
CA GLU C 154 -17.95 22.01 -18.84
C GLU C 154 -19.47 21.98 -18.70
N ARG C 155 -20.11 22.80 -19.54
CA ARG C 155 -21.56 22.88 -19.64
C ARG C 155 -22.01 22.43 -21.02
N GLY C 156 -23.34 22.29 -21.16
CA GLY C 156 -23.91 22.05 -22.47
C GLY C 156 -23.60 20.66 -23.00
N LYS C 157 -23.36 20.59 -24.31
CA LYS C 157 -23.06 19.33 -24.95
C LYS C 157 -21.72 18.75 -24.50
N MET C 158 -20.81 19.60 -24.04
CA MET C 158 -19.51 19.17 -23.56
C MET C 158 -19.53 18.76 -22.09
N GLU C 159 -20.71 18.71 -21.46
CA GLU C 159 -20.77 18.46 -20.02
C GLU C 159 -20.15 17.12 -19.67
N LYS C 160 -20.60 16.05 -20.33
CA LYS C 160 -20.06 14.72 -20.07
C LYS C 160 -18.95 14.41 -21.07
N TRP C 161 -17.94 15.28 -21.06
CA TRP C 161 -16.85 15.20 -22.03
C TRP C 161 -16.10 13.87 -21.96
N TRP C 162 -16.14 13.17 -20.81
CA TRP C 162 -15.45 11.89 -20.68
C TRP C 162 -16.15 10.76 -21.43
N THR C 163 -17.33 11.01 -21.99
CA THR C 163 -18.05 10.00 -22.76
C THR C 163 -17.87 10.23 -24.26
N ILE C 164 -17.17 11.29 -24.65
CA ILE C 164 -16.89 11.57 -26.05
C ILE C 164 -15.81 10.61 -26.54
N GLN C 165 -16.13 9.84 -27.57
CA GLN C 165 -15.14 9.01 -28.25
C GLN C 165 -14.54 9.85 -29.37
N SER C 166 -13.24 10.15 -29.26
CA SER C 166 -12.60 11.03 -30.22
C SER C 166 -11.17 10.60 -30.37
N PRO C 167 -10.58 10.76 -31.56
CA PRO C 167 -9.14 10.50 -31.70
C PRO C 167 -8.26 11.54 -31.02
N SER C 168 -8.79 12.72 -30.70
CA SER C 168 -8.01 13.74 -30.04
C SER C 168 -8.02 13.61 -28.52
N ILE C 169 -8.72 12.63 -27.96
CA ILE C 169 -8.71 12.38 -26.53
CA ILE C 169 -8.73 12.38 -26.52
C ILE C 169 -8.39 10.91 -26.32
N VAL C 170 -7.25 10.63 -25.67
CA VAL C 170 -6.74 9.29 -25.50
C VAL C 170 -6.63 8.99 -24.01
N GLU C 171 -7.24 7.89 -23.57
CA GLU C 171 -7.12 7.47 -22.18
C GLU C 171 -5.78 6.76 -21.98
N THR C 172 -5.17 6.98 -20.81
CA THR C 172 -3.88 6.36 -20.51
C THR C 172 -3.81 6.04 -19.02
N SER C 173 -3.22 4.91 -18.68
CA SER C 173 -2.95 4.58 -17.29
C SER C 173 -1.62 5.15 -16.82
N TYR C 174 -0.83 5.70 -17.73
CA TYR C 174 0.34 6.46 -17.33
C TYR C 174 -0.11 7.81 -16.78
N TYR C 175 0.83 8.61 -16.29
CA TYR C 175 0.48 9.77 -15.47
C TYR C 175 -0.57 9.37 -14.44
N PRO C 176 -0.28 8.40 -13.57
CA PRO C 176 -1.35 7.78 -12.80
C PRO C 176 -1.94 8.73 -11.76
N LEU C 177 -3.27 8.79 -11.75
CA LEU C 177 -4.00 9.43 -10.68
C LEU C 177 -3.96 8.54 -9.46
N LEU C 178 -3.71 9.13 -8.30
CA LEU C 178 -3.51 8.37 -7.08
C LEU C 178 -4.59 8.72 -6.07
N ASN C 179 -4.99 7.75 -5.28
CA ASN C 179 -5.84 8.07 -4.15
C ASN C 179 -4.94 8.48 -2.97
N LYS C 180 -5.56 9.03 -1.93
CA LYS C 180 -4.81 9.63 -0.85
C LYS C 180 -3.89 8.62 -0.16
N ASP C 181 -4.35 7.36 -0.03
CA ASP C 181 -3.53 6.34 0.62
C ASP C 181 -2.40 5.86 -0.25
N GLU C 182 -2.36 6.29 -1.51
CA GLU C 182 -1.24 6.04 -2.42
C GLU C 182 -0.29 7.21 -2.52
N THR C 183 -0.33 8.15 -1.56
CA THR C 183 0.50 9.34 -1.53
C THR C 183 1.09 9.52 -0.14
N PRO C 184 2.09 10.39 0.00
CA PRO C 184 2.59 10.71 1.34
C PRO C 184 1.60 11.47 2.20
N PHE C 185 0.45 11.86 1.66
CA PHE C 185 -0.58 12.52 2.45
C PHE C 185 -1.45 11.53 3.24
N SER C 186 -1.18 10.23 3.10
CA SER C 186 -2.11 9.20 3.59
C SER C 186 -2.51 9.43 5.05
N VAL C 187 -1.54 9.64 5.94
CA VAL C 187 -1.90 9.72 7.36
C VAL C 187 -2.23 11.13 7.83
N PHE C 188 -2.21 12.12 6.95
CA PHE C 188 -2.45 13.51 7.34
C PHE C 188 -3.85 13.95 6.95
N TRP C 189 -4.34 14.99 7.63
CA TRP C 189 -5.70 15.49 7.42
C TRP C 189 -6.71 14.34 7.42
N TYR C 190 -6.55 13.42 8.37
CA TYR C 190 -7.27 12.16 8.27
C TYR C 190 -8.78 12.37 8.35
N ASP C 191 -9.22 13.33 9.18
CA ASP C 191 -10.65 13.56 9.38
C ASP C 191 -11.34 14.31 8.25
N ARG C 192 -10.59 14.79 7.25
CA ARG C 192 -11.18 15.60 6.19
C ARG C 192 -11.93 14.76 5.17
N TYR C 193 -11.61 13.47 5.07
CA TYR C 193 -12.11 12.59 4.03
C TYR C 193 -12.61 11.29 4.65
N PRO C 194 -13.51 10.58 3.98
CA PRO C 194 -13.85 9.23 4.46
C PRO C 194 -12.69 8.26 4.25
N GLU C 195 -12.82 7.11 4.90
CA GLU C 195 -11.89 6.00 4.71
C GLU C 195 -11.96 5.50 3.27
N ILE C 196 -10.80 5.09 2.74
CA ILE C 196 -10.73 4.53 1.38
C ILE C 196 -10.67 3.01 1.44
N MET C 197 -11.50 2.35 0.65
CA MET C 197 -11.44 0.90 0.58
C MET C 197 -10.15 0.45 -0.13
N ARG C 198 -9.40 -0.43 0.54
CA ARG C 198 -8.12 -0.92 0.03
C ARG C 198 -8.34 -1.86 -1.15
N PRO C 199 -7.30 -2.09 -1.97
CA PRO C 199 -7.50 -2.92 -3.17
C PRO C 199 -7.88 -4.34 -2.82
N ASN C 200 -8.74 -4.93 -3.64
CA ASN C 200 -9.24 -6.28 -3.37
C ASN C 200 -8.58 -7.30 -4.29
#